data_8THR
#
_entry.id   8THR
#
_cell.length_a   1.00
_cell.length_b   1.00
_cell.length_c   1.00
_cell.angle_alpha   90.00
_cell.angle_beta   90.00
_cell.angle_gamma   90.00
#
_symmetry.space_group_name_H-M   'P 1'
#
loop_
_entity.id
_entity.type
_entity.pdbx_description
1 polymer 'fluorescent protein mVenus,Synaptic vesicular amine transporter,GFP nano body,Synaptic vesicular amine transporter,Synaptic vesicular amine transporter'
2 non-polymer (3S,5R,11bS)-9,10-dimethoxy-3-(2-methylpropyl)-1,3,4,6,7,11b-hexahydro-2H-pyrido[2,1-a]isoquinolin-2-one
#
_entity_poly.entity_id   1
_entity_poly.type   'polypeptide(L)'
_entity_poly.pdbx_seq_one_letter_code
;MWSHPQFEKGGGSGGGSGGSAWSHPQFEKHHHHHHHHHHGSGVSKGEELFTGVVPILVELDGDVNGHKFSVSGEGEGDAT
YGKLTLKLICTTGKLPVPWPTLVTTLGYGLQCFARYPDHMKQHDFFKSAMPEGYVQERTIFFKDDGNYKTRAEVKFEGDT
LVNRIELKGIDFKEDGNILGHKLEYNYNSHNVYITADKQKNGIKANFKIRHNIEDGGVQLADHYQQNTPIGDGPVLLPDN
HYLSYQSKLSKDPNEKRDHMVLLEFVTAAGITLGMDELYKSRKLILFIVFLALLLDNMLLTVVVPIIPSYLYSIKHEKNA
TEIQTARPVHTASISDSFQSIFSYYDNSTMVTGNATRDLTLHQTATQHMVTNASAVPSDCPSEDKDLLNENVQVGLLFAS
KATVQLITNPFIGLLTNRIGYPIPIFAGFCIMFVSTIMFAFSSSYAFLLIARSLQGIGSSCSSVAGMGMLASVYTDDEER
GNVMGIALGGLAMGVLVGPPFGSVLYEFVGKTAPFLVLAALVLLDGAIQLFVLQPSRVQPESQKGTPLTTLLKDPYILIA
AGSICFANMGIAMLEPALPIWMMETMCSRKWQLGVAFLPASISYLIGTNIFGILAHKMGRWLCALLGMIIVGVSILCIPF
AKNIYGLIAPNFGVGFAIGMVDSSMMPIMGYLVDLRHVSVYGSVYAIADVAFCMGYAIGPSAGGAIAKAIGFPWLMTIIG
IIDILFAPLCFFLRSPPAKEEKMAIVQLVESGGALVQPGGSLRLSCAASGFPVNRYSMRWYRQAPGKEREWVAGMSSAGD
RSSYEDSVKGRFTISRDDARNTVYLQMNSLKPEDTAVYYCNVNVGFEYWGQGTQVTVS
;
_entity_poly.pdbx_strand_id   A
#
# COMPACT_ATOMS: atom_id res chain seq x y z
N LYS A 280 11.69 -17.77 19.54
CA LYS A 280 10.51 -17.70 18.67
C LYS A 280 10.09 -16.29 18.23
N SER A 281 9.96 -15.32 19.15
CA SER A 281 9.28 -14.04 18.87
C SER A 281 9.84 -13.29 17.66
N ARG A 282 11.16 -13.19 17.52
CA ARG A 282 11.72 -12.38 16.44
C ARG A 282 11.13 -12.76 15.10
N LYS A 283 11.29 -14.03 14.69
CA LYS A 283 10.82 -14.56 13.39
C LYS A 283 9.29 -14.65 13.26
N LEU A 284 8.57 -15.00 14.32
CA LEU A 284 7.11 -15.15 14.25
C LEU A 284 6.39 -13.82 13.98
N ILE A 285 6.91 -12.68 14.43
CA ILE A 285 6.30 -11.36 14.16
C ILE A 285 6.34 -11.00 12.66
N LEU A 286 7.29 -11.49 11.86
CA LEU A 286 7.23 -11.39 10.40
C LEU A 286 6.00 -12.11 9.83
N PHE A 287 5.71 -13.34 10.27
CA PHE A 287 4.49 -14.05 9.86
C PHE A 287 3.22 -13.29 10.28
N ILE A 288 3.18 -12.73 11.49
CA ILE A 288 2.05 -11.90 11.93
C ILE A 288 1.88 -10.68 11.03
N VAL A 289 2.93 -9.87 10.83
CA VAL A 289 2.81 -8.63 10.06
C VAL A 289 2.59 -8.90 8.57
N PHE A 290 3.16 -9.97 8.01
CA PHE A 290 2.81 -10.42 6.66
C PHE A 290 1.32 -10.73 6.54
N LEU A 291 0.76 -11.55 7.43
CA LEU A 291 -0.65 -11.92 7.38
C LEU A 291 -1.57 -10.72 7.65
N ALA A 292 -1.20 -9.84 8.58
CA ALA A 292 -1.94 -8.62 8.90
C ALA A 292 -1.91 -7.58 7.76
N LEU A 293 -0.90 -7.60 6.88
CA LEU A 293 -0.86 -6.84 5.64
C LEU A 293 -1.60 -7.55 4.50
N LEU A 294 -1.43 -8.87 4.35
CA LEU A 294 -2.16 -9.69 3.38
C LEU A 294 -3.67 -9.50 3.52
N LEU A 295 -4.24 -9.66 4.72
CA LEU A 295 -5.69 -9.60 4.87
C LEU A 295 -6.26 -8.22 4.62
N ASP A 296 -5.61 -7.16 5.05
CA ASP A 296 -6.05 -5.80 4.68
C ASP A 296 -5.93 -5.56 3.17
N ASN A 297 -4.84 -6.03 2.55
CA ASN A 297 -4.63 -5.85 1.12
C ASN A 297 -5.49 -6.77 0.26
N MET A 298 -5.93 -7.92 0.78
CA MET A 298 -6.95 -8.73 0.16
C MET A 298 -8.34 -8.08 0.33
N LEU A 299 -8.63 -7.53 1.51
CA LEU A 299 -9.93 -6.95 1.80
C LEU A 299 -10.17 -5.70 0.99
N LEU A 300 -9.18 -4.80 0.89
CA LEU A 300 -9.32 -3.61 0.05
C LEU A 300 -9.47 -3.96 -1.44
N THR A 301 -8.98 -5.12 -1.86
CA THR A 301 -9.05 -5.51 -3.28
C THR A 301 -10.25 -6.38 -3.63
N VAL A 302 -10.84 -7.17 -2.70
CA VAL A 302 -12.00 -8.01 -3.05
C VAL A 302 -13.26 -7.19 -3.36
N VAL A 303 -13.28 -5.90 -3.03
CA VAL A 303 -14.40 -5.06 -3.47
C VAL A 303 -14.37 -4.81 -4.97
N VAL A 304 -13.27 -5.14 -5.68
CA VAL A 304 -13.12 -4.86 -7.12
C VAL A 304 -14.20 -5.51 -7.99
N PRO A 305 -14.39 -6.84 -7.97
CA PRO A 305 -15.42 -7.49 -8.78
C PRO A 305 -16.86 -7.17 -8.36
N ILE A 306 -17.06 -6.54 -7.20
CA ILE A 306 -18.38 -6.07 -6.74
C ILE A 306 -18.78 -4.73 -7.40
N ILE A 307 -17.81 -3.84 -7.66
CA ILE A 307 -18.07 -2.46 -8.08
C ILE A 307 -19.02 -2.32 -9.29
N PRO A 308 -18.96 -3.18 -10.32
CA PRO A 308 -19.96 -3.17 -11.40
C PRO A 308 -21.44 -3.26 -10.98
N SER A 309 -21.77 -3.69 -9.75
CA SER A 309 -23.15 -3.68 -9.24
C SER A 309 -23.73 -2.26 -9.10
N TYR A 310 -22.88 -1.24 -8.96
CA TYR A 310 -23.24 0.17 -8.83
C TYR A 310 -23.22 0.90 -10.18
N SER A 382 -15.54 5.50 -25.27
CA SER A 382 -14.92 5.46 -26.60
C SER A 382 -13.39 5.30 -26.58
N GLU A 383 -12.69 5.57 -25.47
CA GLU A 383 -11.24 5.46 -25.39
C GLU A 383 -10.78 5.05 -23.97
N ASP A 384 -9.64 4.36 -23.84
CA ASP A 384 -9.25 3.68 -22.61
C ASP A 384 -9.04 4.62 -21.42
N LYS A 385 -8.75 5.90 -21.66
CA LYS A 385 -8.56 6.92 -20.61
C LYS A 385 -9.76 7.84 -20.36
N ASP A 386 -10.76 7.86 -21.24
CA ASP A 386 -12.06 8.55 -21.08
C ASP A 386 -12.77 8.07 -19.80
N LEU A 387 -12.40 6.87 -19.38
CA LEU A 387 -12.71 6.27 -18.10
C LEU A 387 -12.37 7.20 -16.94
N LEU A 388 -11.47 8.18 -17.08
CA LEU A 388 -11.27 9.27 -16.12
C LEU A 388 -12.60 9.94 -15.78
N ASN A 389 -13.44 10.14 -16.79
CA ASN A 389 -14.79 10.72 -16.67
C ASN A 389 -15.84 9.72 -16.14
N GLU A 390 -15.80 8.44 -16.52
CA GLU A 390 -16.72 7.44 -15.96
C GLU A 390 -16.36 7.04 -14.51
N ASN A 391 -15.10 7.15 -14.15
CA ASN A 391 -14.52 6.70 -12.92
C ASN A 391 -15.11 7.38 -11.70
N VAL A 392 -15.53 8.64 -11.73
CA VAL A 392 -15.64 9.51 -10.53
C VAL A 392 -16.25 8.83 -9.29
N GLN A 393 -17.25 7.98 -9.47
CA GLN A 393 -17.85 7.16 -8.42
C GLN A 393 -16.84 6.20 -7.78
N VAL A 394 -16.07 5.48 -8.60
CA VAL A 394 -14.99 4.57 -8.17
C VAL A 394 -13.81 5.32 -7.59
N GLY A 395 -13.51 6.51 -8.11
CA GLY A 395 -12.46 7.40 -7.60
C GLY A 395 -12.68 7.70 -6.13
N LEU A 396 -13.92 7.98 -5.74
CA LEU A 396 -14.28 8.18 -4.35
C LEU A 396 -14.08 6.94 -3.47
N LEU A 397 -14.24 5.71 -3.99
CA LEU A 397 -13.91 4.50 -3.21
C LEU A 397 -12.39 4.33 -3.00
N PHE A 398 -11.51 4.71 -3.92
CA PHE A 398 -10.08 4.72 -3.64
C PHE A 398 -9.71 5.89 -2.74
N ALA A 399 -10.30 7.07 -2.93
CA ALA A 399 -9.92 8.24 -2.17
C ALA A 399 -10.32 8.18 -0.71
N SER A 400 -11.50 7.68 -0.40
CA SER A 400 -11.98 7.60 0.98
C SER A 400 -11.08 6.77 1.86
N LYS A 401 -10.77 5.54 1.50
CA LYS A 401 -9.92 4.67 2.33
C LYS A 401 -8.60 5.32 2.59
N ALA A 402 -7.94 5.81 1.56
CA ALA A 402 -6.63 6.39 1.71
C ALA A 402 -6.59 7.75 2.45
N THR A 403 -7.55 8.67 2.38
CA THR A 403 -7.51 9.84 3.29
C THR A 403 -7.83 9.46 4.73
N VAL A 404 -8.80 8.57 5.03
CA VAL A 404 -9.10 8.24 6.43
C VAL A 404 -7.98 7.46 7.08
N GLN A 405 -7.31 6.63 6.30
CA GLN A 405 -6.08 5.97 6.70
C GLN A 405 -4.93 6.98 6.92
N LEU A 406 -4.73 7.91 6.00
CA LEU A 406 -3.70 8.93 6.07
C LEU A 406 -3.87 9.86 7.27
N ILE A 407 -5.02 10.46 7.47
CA ILE A 407 -5.24 11.36 8.61
C ILE A 407 -5.01 10.61 9.94
N THR A 408 -5.24 9.29 9.98
CA THR A 408 -5.00 8.44 11.16
C THR A 408 -3.51 8.19 11.44
N ASN A 409 -2.63 8.24 10.44
CA ASN A 409 -1.24 7.80 10.62
C ASN A 409 -0.46 8.54 11.70
N PRO A 410 -0.52 9.87 11.82
CA PRO A 410 0.05 10.55 12.98
C PRO A 410 -0.54 10.05 14.30
N PHE A 411 -1.86 9.87 14.38
CA PHE A 411 -2.54 9.50 15.63
C PHE A 411 -2.33 8.06 16.09
N ILE A 412 -2.22 7.09 15.18
CA ILE A 412 -1.70 5.76 15.53
C ILE A 412 -0.19 5.75 15.78
N GLY A 413 0.62 6.41 14.95
CA GLY A 413 2.08 6.38 15.09
C GLY A 413 2.58 7.03 16.37
N LEU A 414 2.02 8.19 16.74
CA LEU A 414 2.31 8.86 18.00
C LEU A 414 1.82 8.03 19.18
N LEU A 415 0.58 7.56 19.14
CA LEU A 415 0.06 6.82 20.25
C LEU A 415 0.74 5.47 20.49
N THR A 416 1.21 4.84 19.43
CA THR A 416 2.00 3.59 19.56
C THR A 416 3.12 3.73 20.60
N ASN A 417 3.81 4.87 20.66
CA ASN A 417 4.85 5.13 21.66
C ASN A 417 4.27 5.13 23.08
N ARG A 418 3.06 5.68 23.29
CA ARG A 418 2.41 5.71 24.59
C ARG A 418 1.83 4.36 24.99
N ILE A 419 1.09 3.72 24.09
CA ILE A 419 0.35 2.47 24.35
C ILE A 419 1.27 1.24 24.47
N GLY A 420 2.33 1.20 23.67
CA GLY A 420 3.01 -0.01 23.26
C GLY A 420 2.45 -0.50 21.94
N TYR A 421 3.24 -1.22 21.14
CA TYR A 421 2.80 -1.75 19.84
C TYR A 421 1.59 -2.70 19.82
N PRO A 422 1.35 -3.58 20.81
CA PRO A 422 0.43 -4.69 20.54
C PRO A 422 -1.01 -4.26 20.38
N ILE A 423 -1.44 -3.28 21.15
CA ILE A 423 -2.83 -2.82 21.13
C ILE A 423 -3.18 -2.11 19.82
N PRO A 424 -2.35 -1.21 19.26
CA PRO A 424 -2.48 -0.76 17.88
C PRO A 424 -2.53 -1.85 16.80
N ILE A 425 -1.72 -2.92 16.88
CA ILE A 425 -1.84 -4.04 15.93
C ILE A 425 -3.21 -4.72 16.08
N PHE A 426 -3.73 -4.87 17.31
CA PHE A 426 -5.04 -5.44 17.55
C PHE A 426 -6.17 -4.56 17.05
N ALA A 427 -6.06 -3.23 17.11
CA ALA A 427 -6.98 -2.33 16.42
C ALA A 427 -6.82 -2.47 14.90
N GLY A 428 -5.62 -2.79 14.43
CA GLY A 428 -5.37 -3.12 13.02
C GLY A 428 -6.08 -4.35 12.51
N PHE A 429 -6.08 -5.44 13.26
CA PHE A 429 -6.95 -6.59 13.03
C PHE A 429 -8.41 -6.19 13.18
N CYS A 430 -8.79 -5.51 14.27
CA CYS A 430 -10.20 -5.41 14.61
C CYS A 430 -10.97 -4.39 13.80
N ILE A 431 -10.46 -3.17 13.57
CA ILE A 431 -11.25 -2.19 12.80
C ILE A 431 -11.34 -2.63 11.33
N MET A 432 -10.39 -3.43 10.85
CA MET A 432 -10.42 -4.12 9.56
C MET A 432 -11.39 -5.32 9.55
N PHE A 433 -11.43 -6.13 10.62
CA PHE A 433 -12.40 -7.21 10.75
C PHE A 433 -13.85 -6.73 10.75
N VAL A 434 -14.20 -5.72 11.57
CA VAL A 434 -15.57 -5.22 11.62
C VAL A 434 -15.99 -4.64 10.27
N SER A 435 -15.03 -4.10 9.52
CA SER A 435 -15.24 -3.70 8.13
C SER A 435 -15.48 -4.91 7.21
N THR A 436 -14.77 -6.01 7.37
CA THR A 436 -15.04 -7.25 6.62
C THR A 436 -16.48 -7.72 6.82
N ILE A 437 -16.97 -7.73 8.05
CA ILE A 437 -18.35 -8.11 8.40
C ILE A 437 -19.36 -7.12 7.84
N MET A 438 -19.03 -5.83 7.85
CA MET A 438 -19.89 -4.79 7.32
C MET A 438 -20.20 -5.02 5.84
N PHE A 439 -19.22 -5.35 4.99
CA PHE A 439 -19.46 -5.53 3.55
C PHE A 439 -20.46 -6.66 3.25
N ALA A 440 -20.60 -7.66 4.14
CA ALA A 440 -21.43 -8.83 3.90
C ALA A 440 -22.93 -8.53 3.67
N PHE A 441 -23.42 -7.35 4.01
CA PHE A 441 -24.80 -6.93 3.72
C PHE A 441 -24.89 -5.51 3.12
N SER A 442 -23.88 -5.12 2.34
CA SER A 442 -23.83 -3.83 1.62
C SER A 442 -24.73 -3.80 0.38
N SER A 443 -26.00 -3.42 0.55
CA SER A 443 -26.95 -3.34 -0.55
C SER A 443 -26.70 -2.11 -1.42
N SER A 444 -26.13 -1.06 -0.84
CA SER A 444 -25.91 0.17 -1.58
C SER A 444 -24.49 0.70 -1.45
N TYR A 445 -24.11 1.61 -2.35
CA TYR A 445 -22.78 2.19 -2.31
C TYR A 445 -22.48 2.82 -0.97
N ALA A 446 -23.51 3.36 -0.31
CA ALA A 446 -23.27 4.08 0.92
C ALA A 446 -22.48 3.20 1.87
N PHE A 447 -22.94 1.97 2.02
CA PHE A 447 -22.26 1.04 2.89
C PHE A 447 -20.83 0.92 2.43
N LEU A 448 -20.63 0.69 1.14
CA LEU A 448 -19.28 0.49 0.65
C LEU A 448 -18.38 1.65 1.02
N LEU A 449 -18.84 2.87 0.77
CA LEU A 449 -18.03 4.05 1.06
C LEU A 449 -17.70 4.16 2.55
N ILE A 450 -18.70 4.03 3.41
CA ILE A 450 -18.41 4.19 4.84
C ILE A 450 -17.68 2.97 5.35
N ALA A 451 -18.04 1.81 4.80
CA ALA A 451 -17.45 0.56 5.22
C ALA A 451 -15.95 0.54 5.00
N ARG A 452 -15.56 1.26 3.95
CA ARG A 452 -14.17 1.45 3.60
C ARG A 452 -13.52 2.36 4.63
N SER A 453 -14.19 3.47 4.96
CA SER A 453 -13.67 4.42 5.95
C SER A 453 -13.21 3.72 7.24
N LEU A 454 -14.03 2.83 7.85
CA LEU A 454 -13.61 2.06 9.03
C LEU A 454 -12.37 1.24 8.71
N GLN A 455 -12.34 0.58 7.56
CA GLN A 455 -11.16 -0.17 7.18
C GLN A 455 -9.94 0.73 7.07
N GLY A 456 -10.09 1.96 6.62
CA GLY A 456 -8.90 2.78 6.50
C GLY A 456 -8.15 2.86 7.81
N ILE A 457 -8.91 3.02 8.89
CA ILE A 457 -8.29 3.15 10.19
C ILE A 457 -7.56 1.87 10.51
N GLY A 458 -8.16 0.74 10.19
CA GLY A 458 -7.53 -0.54 10.48
C GLY A 458 -6.25 -0.69 9.72
N SER A 459 -6.26 -0.27 8.46
CA SER A 459 -5.05 -0.31 7.66
C SER A 459 -3.96 0.51 8.32
N SER A 460 -4.28 1.73 8.75
CA SER A 460 -3.25 2.48 9.46
C SER A 460 -2.79 1.73 10.70
N CYS A 461 -3.73 1.41 11.59
CA CYS A 461 -3.44 0.72 12.84
C CYS A 461 -2.51 -0.47 12.62
N SER A 462 -2.79 -1.29 11.61
CA SER A 462 -1.95 -2.43 11.21
C SER A 462 -0.66 -1.99 10.53
N SER A 463 -0.70 -1.10 9.54
CA SER A 463 0.47 -0.84 8.68
C SER A 463 1.57 -0.04 9.37
N VAL A 464 1.23 0.96 10.20
CA VAL A 464 2.22 1.74 10.96
C VAL A 464 2.79 0.93 12.12
N ALA A 465 1.94 0.36 12.98
CA ALA A 465 2.40 -0.36 14.15
C ALA A 465 3.05 -1.71 13.79
N GLY A 466 2.58 -2.41 12.75
CA GLY A 466 3.24 -3.62 12.29
C GLY A 466 4.63 -3.36 11.73
N MET A 467 4.82 -2.32 10.92
CA MET A 467 6.14 -2.00 10.38
C MET A 467 7.09 -1.47 11.47
N GLY A 468 6.56 -0.73 12.43
CA GLY A 468 7.30 -0.37 13.65
C GLY A 468 7.66 -1.58 14.52
N MET A 469 6.82 -2.62 14.60
CA MET A 469 7.15 -3.85 15.33
C MET A 469 8.31 -4.58 14.65
N LEU A 470 8.29 -4.75 13.33
CA LEU A 470 9.45 -5.28 12.61
C LEU A 470 10.67 -4.36 12.73
N ALA A 471 10.53 -3.04 12.72
CA ALA A 471 11.64 -2.13 12.89
C ALA A 471 12.30 -2.20 14.27
N SER A 472 11.48 -2.36 15.30
CA SER A 472 11.89 -2.51 16.69
C SER A 472 12.53 -3.87 16.96
N VAL A 473 11.98 -4.94 16.36
CA VAL A 473 12.39 -6.32 16.64
C VAL A 473 13.57 -6.76 15.80
N TYR A 474 13.53 -6.44 14.49
CA TYR A 474 14.68 -6.70 13.62
C TYR A 474 15.54 -5.45 13.63
N THR A 475 16.63 -5.48 14.36
CA THR A 475 17.52 -4.32 14.54
C THR A 475 18.67 -4.26 13.53
N ASP A 476 19.21 -5.40 13.08
CA ASP A 476 20.27 -5.38 12.06
C ASP A 476 19.72 -5.08 10.65
N ASP A 477 20.41 -4.26 9.87
CA ASP A 477 19.98 -3.89 8.51
C ASP A 477 19.77 -5.06 7.56
N GLU A 478 20.62 -6.09 7.56
CA GLU A 478 20.44 -7.22 6.64
C GLU A 478 19.17 -8.00 7.00
N GLU A 479 18.94 -8.24 8.29
CA GLU A 479 17.71 -8.85 8.76
C GLU A 479 16.51 -7.96 8.44
N ARG A 480 16.54 -6.66 8.80
CA ARG A 480 15.43 -5.73 8.56
C ARG A 480 15.12 -5.54 7.08
N GLY A 481 16.10 -5.56 6.19
CA GLY A 481 15.88 -5.52 4.74
C GLY A 481 15.18 -6.77 4.21
N ASN A 482 15.70 -7.96 4.53
CA ASN A 482 15.07 -9.23 4.15
C ASN A 482 13.66 -9.35 4.73
N VAL A 483 13.51 -9.04 6.02
CA VAL A 483 12.24 -9.09 6.73
C VAL A 483 11.21 -8.08 6.28
N MET A 484 11.52 -6.80 6.14
CA MET A 484 10.53 -5.85 5.62
C MET A 484 10.20 -6.11 4.16
N GLY A 485 11.14 -6.55 3.34
CA GLY A 485 10.82 -7.00 2.00
C GLY A 485 9.83 -8.15 1.96
N ILE A 486 9.94 -9.13 2.85
CA ILE A 486 8.97 -10.23 2.95
C ILE A 486 7.63 -9.75 3.55
N ALA A 487 7.64 -8.87 4.56
CA ALA A 487 6.40 -8.30 5.11
C ALA A 487 5.63 -7.46 4.10
N LEU A 488 6.29 -6.59 3.34
CA LEU A 488 5.71 -5.83 2.23
C LEU A 488 5.23 -6.74 1.09
N GLY A 489 5.78 -7.95 1.00
CA GLY A 489 5.21 -9.05 0.22
C GLY A 489 3.76 -9.38 0.59
N GLY A 490 3.26 -8.95 1.75
CA GLY A 490 1.86 -9.06 2.12
C GLY A 490 0.94 -8.19 1.27
N LEU A 491 1.36 -6.98 0.90
CA LEU A 491 0.60 -6.14 -0.02
C LEU A 491 0.59 -6.77 -1.42
N ALA A 492 1.76 -7.19 -1.88
CA ALA A 492 1.97 -7.83 -3.17
C ALA A 492 1.22 -9.15 -3.31
N MET A 493 1.15 -9.98 -2.28
CA MET A 493 0.35 -11.19 -2.33
C MET A 493 -1.14 -10.91 -2.13
N GLY A 494 -1.54 -9.92 -1.34
CA GLY A 494 -2.95 -9.59 -1.13
C GLY A 494 -3.65 -9.09 -2.39
N VAL A 495 -3.05 -8.16 -3.12
CA VAL A 495 -3.63 -7.59 -4.33
C VAL A 495 -3.69 -8.63 -5.47
N LEU A 496 -2.76 -9.58 -5.51
CA LEU A 496 -2.76 -10.68 -6.46
C LEU A 496 -3.83 -11.68 -6.08
N VAL A 497 -3.85 -12.15 -4.84
CA VAL A 497 -4.71 -13.26 -4.42
C VAL A 497 -6.16 -12.84 -4.40
N GLY A 498 -6.42 -11.59 -4.09
CA GLY A 498 -7.76 -11.23 -3.69
C GLY A 498 -8.80 -11.25 -4.79
N PRO A 499 -8.63 -10.61 -5.95
CA PRO A 499 -9.72 -10.53 -6.91
C PRO A 499 -10.06 -11.86 -7.58
N PRO A 500 -9.10 -12.72 -7.99
CA PRO A 500 -9.41 -14.02 -8.57
C PRO A 500 -10.30 -14.86 -7.66
N PHE A 501 -10.01 -14.82 -6.36
CA PHE A 501 -10.78 -15.51 -5.32
C PHE A 501 -12.14 -14.84 -5.07
N GLY A 502 -12.16 -13.52 -4.95
CA GLY A 502 -13.40 -12.78 -4.71
C GLY A 502 -14.38 -12.88 -5.87
N SER A 503 -13.88 -12.77 -7.10
CA SER A 503 -14.72 -12.82 -8.30
C SER A 503 -15.31 -14.21 -8.52
N VAL A 504 -14.52 -15.29 -8.34
CA VAL A 504 -15.05 -16.65 -8.53
C VAL A 504 -16.13 -16.98 -7.52
N LEU A 505 -16.00 -16.54 -6.27
CA LEU A 505 -17.08 -16.73 -5.29
C LEU A 505 -18.30 -15.85 -5.61
N TYR A 506 -18.11 -14.60 -6.03
CA TYR A 506 -19.23 -13.69 -6.35
C TYR A 506 -20.09 -14.16 -7.53
N GLU A 507 -19.50 -14.80 -8.54
CA GLU A 507 -20.25 -15.37 -9.65
C GLU A 507 -20.74 -16.81 -9.40
N PHE A 508 -19.92 -17.69 -8.81
CA PHE A 508 -20.24 -19.11 -8.71
C PHE A 508 -21.04 -19.47 -7.46
N VAL A 509 -20.67 -18.92 -6.30
CA VAL A 509 -21.38 -19.18 -5.02
C VAL A 509 -22.49 -18.17 -4.79
N GLY A 510 -22.27 -16.93 -5.20
CA GLY A 510 -23.27 -15.85 -5.16
C GLY A 510 -23.48 -15.29 -3.76
N LYS A 511 -24.61 -14.61 -3.59
CA LYS A 511 -24.93 -13.89 -2.36
C LYS A 511 -23.77 -12.90 -2.13
N THR A 512 -23.16 -12.93 -0.95
CA THR A 512 -22.05 -12.03 -0.65
C THR A 512 -20.90 -12.83 -0.10
N ALA A 513 -20.93 -14.10 -0.44
CA ALA A 513 -19.97 -15.09 0.02
C ALA A 513 -18.50 -14.66 0.10
N PRO A 514 -17.92 -13.83 -0.82
CA PRO A 514 -16.49 -13.53 -0.75
C PRO A 514 -16.10 -12.71 0.48
N PHE A 515 -17.05 -12.10 1.19
CA PHE A 515 -16.76 -11.42 2.46
C PHE A 515 -16.88 -12.34 3.68
N LEU A 516 -17.88 -13.23 3.75
CA LEU A 516 -18.01 -14.15 4.89
C LEU A 516 -16.81 -15.08 4.99
N VAL A 517 -16.31 -15.62 3.87
CA VAL A 517 -15.12 -16.49 3.87
C VAL A 517 -13.84 -15.73 4.19
N LEU A 518 -13.81 -14.41 4.01
CA LEU A 518 -12.69 -13.56 4.43
C LEU A 518 -12.80 -13.16 5.91
N ALA A 519 -14.00 -12.98 6.46
CA ALA A 519 -14.21 -12.84 7.90
C ALA A 519 -13.78 -14.12 8.67
N ALA A 520 -13.87 -15.28 8.02
CA ALA A 520 -13.30 -16.52 8.55
C ALA A 520 -11.78 -16.42 8.66
N LEU A 521 -11.10 -15.99 7.60
CA LEU A 521 -9.64 -15.90 7.62
C LEU A 521 -9.10 -14.74 8.49
N VAL A 522 -9.84 -13.62 8.61
CA VAL A 522 -9.43 -12.50 9.46
C VAL A 522 -9.49 -12.82 10.95
N LEU A 523 -10.50 -13.56 11.44
CA LEU A 523 -10.51 -14.00 12.83
C LEU A 523 -9.42 -15.06 13.12
N LEU A 524 -9.03 -15.88 12.13
CA LEU A 524 -7.87 -16.77 12.28
C LEU A 524 -6.59 -15.98 12.56
N ASP A 525 -6.32 -14.91 11.81
CA ASP A 525 -5.23 -13.97 12.12
C ASP A 525 -5.41 -13.30 13.48
N GLY A 526 -6.60 -12.80 13.79
CA GLY A 526 -6.85 -12.21 15.10
C GLY A 526 -6.59 -13.15 16.29
N ALA A 527 -6.97 -14.42 16.17
CA ALA A 527 -6.68 -15.43 17.18
C ALA A 527 -5.19 -15.70 17.30
N ILE A 528 -4.51 -15.86 16.16
CA ILE A 528 -3.07 -16.06 16.11
C ILE A 528 -2.33 -14.86 16.71
N GLN A 529 -2.83 -13.64 16.60
CA GLN A 529 -2.30 -12.50 17.36
C GLN A 529 -2.50 -12.66 18.86
N LEU A 530 -3.70 -13.03 19.35
CA LEU A 530 -3.97 -13.23 20.77
C LEU A 530 -3.01 -14.24 21.40
N PHE A 531 -2.64 -15.30 20.68
CA PHE A 531 -1.59 -16.20 21.17
C PHE A 531 -0.19 -15.60 21.02
N VAL A 532 0.23 -15.33 19.79
CA VAL A 532 1.65 -15.15 19.46
C VAL A 532 2.20 -13.85 20.03
N LEU A 533 1.42 -12.76 20.01
CA LEU A 533 1.88 -11.49 20.54
C LEU A 533 1.59 -11.32 22.04
N GLN A 534 0.58 -12.01 22.62
CA GLN A 534 0.13 -11.77 23.98
C GLN A 534 -0.18 -10.29 24.02
N PRO A 535 -1.04 -9.84 23.10
CA PRO A 535 -1.32 -8.40 23.00
C PRO A 535 -2.50 -7.98 23.86
N SER A 536 -2.44 -8.28 25.15
CA SER A 536 -3.53 -7.91 26.04
C SER A 536 -3.00 -7.14 27.24
N ARG A 537 -1.75 -6.69 27.15
CA ARG A 537 -1.15 -5.98 28.27
C ARG A 537 -0.82 -4.54 27.97
N VAL A 538 -0.78 -3.71 29.00
CA VAL A 538 -0.46 -2.31 28.82
C VAL A 538 1.03 -2.07 29.05
N GLN A 539 1.78 -1.91 27.96
CA GLN A 539 3.21 -1.68 28.07
C GLN A 539 3.65 -0.57 27.13
N PRO A 540 4.24 0.51 27.67
CA PRO A 540 4.66 1.64 26.84
C PRO A 540 6.01 1.40 26.19
N GLU A 541 6.43 2.26 25.26
CA GLU A 541 7.74 2.24 24.61
C GLU A 541 8.65 3.31 25.26
N SER A 542 9.94 3.39 24.91
CA SER A 542 10.90 4.37 25.47
C SER A 542 10.33 5.79 25.48
N GLN A 543 10.33 6.42 26.65
CA GLN A 543 9.52 7.61 26.89
C GLN A 543 9.99 8.83 26.07
N LYS A 544 9.01 9.64 25.65
CA LYS A 544 9.21 10.97 25.04
C LYS A 544 10.31 10.97 23.96
N GLY A 545 10.21 10.04 23.02
CA GLY A 545 11.15 9.91 21.89
C GLY A 545 11.00 11.02 20.83
N THR A 546 11.57 10.82 19.65
CA THR A 546 11.62 11.86 18.62
C THR A 546 10.22 12.39 18.22
N PRO A 547 9.95 13.71 18.31
CA PRO A 547 8.67 14.30 17.94
C PRO A 547 8.58 14.53 16.43
N LEU A 548 7.46 14.12 15.81
CA LEU A 548 7.35 13.90 14.37
C LEU A 548 7.73 15.12 13.53
N THR A 549 7.42 16.34 14.00
CA THR A 549 7.79 17.58 13.30
C THR A 549 9.30 17.68 13.04
N THR A 550 10.14 17.15 13.93
CA THR A 550 11.60 17.14 13.78
C THR A 550 12.12 16.06 12.81
N LEU A 551 11.39 14.96 12.61
CA LEU A 551 11.68 14.04 11.50
C LEU A 551 11.26 14.67 10.17
N LEU A 552 10.11 15.35 10.15
CA LEU A 552 9.59 16.01 8.96
C LEU A 552 10.42 17.22 8.51
N LYS A 553 11.13 17.89 9.43
CA LYS A 553 12.09 18.96 9.11
C LYS A 553 13.53 18.49 8.83
N ASP A 554 13.86 17.22 8.99
CA ASP A 554 15.12 16.65 8.49
C ASP A 554 14.98 16.23 7.02
N PRO A 555 15.71 16.85 6.06
CA PRO A 555 15.64 16.47 4.65
C PRO A 555 15.86 14.98 4.37
N TYR A 556 16.70 14.30 5.14
CA TYR A 556 17.13 12.94 4.79
C TYR A 556 15.98 11.92 4.91
N ILE A 557 15.00 12.08 5.81
CA ILE A 557 13.80 11.22 5.82
C ILE A 557 12.83 11.57 4.69
N LEU A 558 12.66 12.85 4.36
CA LEU A 558 11.77 13.27 3.28
C LEU A 558 12.14 12.67 1.94
N ILE A 559 13.42 12.55 1.59
CA ILE A 559 13.83 11.99 0.29
C ILE A 559 13.34 10.55 0.17
N ALA A 560 13.42 9.76 1.24
CA ALA A 560 12.90 8.40 1.28
C ALA A 560 11.35 8.36 1.22
N ALA A 561 10.66 9.11 2.08
CA ALA A 561 9.20 9.17 2.09
C ALA A 561 8.65 9.69 0.75
N GLY A 562 9.15 10.80 0.22
CA GLY A 562 8.83 11.29 -1.11
C GLY A 562 9.00 10.21 -2.17
N SER A 563 10.11 9.45 -2.17
CA SER A 563 10.29 8.39 -3.17
C SER A 563 9.22 7.29 -3.07
N ILE A 564 8.78 6.94 -1.86
CA ILE A 564 7.68 6.01 -1.63
C ILE A 564 6.34 6.58 -2.15
N CYS A 565 6.09 7.88 -1.98
CA CYS A 565 4.90 8.55 -2.49
C CYS A 565 4.86 8.66 -4.00
N PHE A 566 5.88 9.27 -4.60
CA PHE A 566 5.91 9.53 -6.04
C PHE A 566 5.90 8.23 -6.85
N ALA A 567 6.49 7.14 -6.36
CA ALA A 567 6.30 5.83 -6.96
C ALA A 567 4.81 5.40 -7.01
N ASN A 568 4.06 5.48 -5.90
CA ASN A 568 2.65 5.11 -5.85
C ASN A 568 1.75 5.98 -6.69
N MET A 569 2.06 7.26 -6.82
CA MET A 569 1.23 8.19 -7.56
C MET A 569 1.03 7.77 -9.01
N GLY A 570 2.04 7.17 -9.66
CA GLY A 570 1.92 6.67 -11.03
C GLY A 570 0.84 5.61 -11.21
N ILE A 571 0.73 4.65 -10.28
CA ILE A 571 -0.32 3.61 -10.30
C ILE A 571 -1.65 4.09 -9.74
N ALA A 572 -1.64 5.03 -8.82
CA ALA A 572 -2.85 5.55 -8.23
C ALA A 572 -3.71 6.29 -9.23
N MET A 573 -3.18 7.06 -10.19
CA MET A 573 -4.04 7.64 -11.23
C MET A 573 -4.57 6.60 -12.20
N LEU A 574 -3.81 5.52 -12.42
CA LEU A 574 -4.04 4.51 -13.45
C LEU A 574 -5.19 3.57 -13.10
N GLU A 575 -5.15 2.95 -11.93
CA GLU A 575 -6.12 1.91 -11.55
C GLU A 575 -7.59 2.37 -11.54
N PRO A 576 -7.93 3.54 -10.99
CA PRO A 576 -9.31 3.94 -10.89
C PRO A 576 -9.93 4.12 -12.25
N ALA A 577 -9.15 4.51 -13.25
CA ALA A 577 -9.60 4.85 -14.60
C ALA A 577 -9.26 3.77 -15.64
N LEU A 578 -9.19 2.50 -15.26
CA LEU A 578 -9.07 1.39 -16.22
C LEU A 578 -10.41 1.10 -16.91
N PRO A 579 -10.43 0.63 -18.17
CA PRO A 579 -11.64 0.21 -18.86
C PRO A 579 -12.15 -1.15 -18.36
N ILE A 580 -12.60 -1.18 -17.10
CA ILE A 580 -12.89 -2.40 -16.33
C ILE A 580 -14.29 -2.38 -15.69
N TRP A 581 -14.98 -1.24 -15.69
CA TRP A 581 -16.18 -1.08 -14.87
C TRP A 581 -17.51 -1.32 -15.63
N MET A 582 -17.75 -0.64 -16.75
CA MET A 582 -19.03 -0.70 -17.51
C MET A 582 -19.33 -1.93 -18.35
N MET A 583 -18.41 -2.38 -19.22
CA MET A 583 -18.72 -3.42 -20.22
C MET A 583 -18.91 -4.81 -19.58
N GLU A 584 -18.21 -5.06 -18.49
CA GLU A 584 -18.10 -6.34 -17.80
C GLU A 584 -19.44 -6.99 -17.42
N THR A 585 -20.50 -6.21 -17.16
CA THR A 585 -21.84 -6.75 -16.92
C THR A 585 -22.43 -7.56 -18.11
N MET A 586 -22.02 -7.26 -19.35
CA MET A 586 -22.77 -7.67 -20.55
C MET A 586 -22.34 -9.00 -21.18
N CYS A 587 -21.09 -9.45 -21.00
CA CYS A 587 -20.54 -10.60 -21.74
C CYS A 587 -19.32 -11.25 -21.07
N SER A 588 -18.87 -12.39 -21.61
CA SER A 588 -17.82 -13.28 -21.08
C SER A 588 -16.43 -12.64 -20.90
N ARG A 589 -16.22 -11.41 -21.42
CA ARG A 589 -15.08 -10.55 -21.07
C ARG A 589 -15.01 -10.20 -19.57
N LYS A 590 -16.07 -10.41 -18.78
CA LYS A 590 -16.05 -10.31 -17.31
C LYS A 590 -14.89 -11.09 -16.68
N TRP A 591 -14.39 -12.15 -17.32
CA TRP A 591 -13.19 -12.86 -16.87
C TRP A 591 -11.96 -11.95 -16.69
N GLN A 592 -11.90 -10.76 -17.31
CA GLN A 592 -10.82 -9.78 -17.11
C GLN A 592 -10.99 -8.87 -15.87
N LEU A 593 -12.15 -8.87 -15.21
CA LEU A 593 -12.48 -7.97 -14.10
C LEU A 593 -11.56 -8.13 -12.89
N GLY A 594 -11.24 -9.37 -12.51
CA GLY A 594 -10.27 -9.66 -11.44
C GLY A 594 -8.82 -9.70 -11.90
N VAL A 595 -8.58 -10.04 -13.17
CA VAL A 595 -7.23 -10.31 -13.69
C VAL A 595 -6.35 -9.07 -13.84
N ALA A 596 -6.90 -7.87 -14.04
CA ALA A 596 -6.09 -6.71 -14.41
C ALA A 596 -5.00 -6.29 -13.40
N PHE A 597 -5.12 -6.70 -12.14
CA PHE A 597 -4.08 -6.37 -11.19
C PHE A 597 -3.03 -7.43 -11.06
N LEU A 598 -3.28 -8.59 -11.61
CA LEU A 598 -2.38 -9.70 -11.44
C LEU A 598 -0.94 -9.38 -11.92
N PRO A 599 -0.70 -8.73 -13.06
CA PRO A 599 0.65 -8.33 -13.48
C PRO A 599 1.36 -7.37 -12.54
N ALA A 600 0.71 -6.28 -12.13
CA ALA A 600 1.31 -5.34 -11.20
C ALA A 600 1.59 -6.02 -9.84
N SER A 601 0.79 -7.02 -9.47
CA SER A 601 0.90 -7.68 -8.18
C SER A 601 1.68 -8.98 -8.18
N ILE A 602 2.09 -9.55 -9.31
CA ILE A 602 3.20 -10.49 -9.41
C ILE A 602 4.51 -9.72 -9.39
N SER A 603 4.62 -8.67 -10.20
CA SER A 603 5.83 -7.87 -10.28
C SER A 603 6.19 -7.18 -8.96
N TYR A 604 5.21 -6.76 -8.16
CA TYR A 604 5.52 -6.22 -6.82
C TYR A 604 6.09 -7.32 -5.94
N LEU A 605 5.56 -8.54 -6.04
CA LEU A 605 6.01 -9.64 -5.21
C LEU A 605 7.48 -9.93 -5.48
N ILE A 606 7.86 -10.13 -6.74
CA ILE A 606 9.28 -10.33 -7.08
C ILE A 606 10.13 -9.10 -6.77
N GLY A 607 9.59 -7.90 -6.92
CA GLY A 607 10.32 -6.69 -6.55
C GLY A 607 10.59 -6.60 -5.05
N THR A 608 9.58 -6.76 -4.21
CA THR A 608 9.80 -6.66 -2.76
C THR A 608 10.55 -7.83 -2.15
N ASN A 609 10.38 -9.04 -2.69
CA ASN A 609 11.11 -10.24 -2.30
C ASN A 609 12.59 -10.22 -2.72
N ILE A 610 12.93 -9.97 -3.99
CA ILE A 610 14.33 -9.88 -4.45
C ILE A 610 15.03 -8.62 -3.90
N PHE A 611 14.42 -7.45 -4.01
CA PHE A 611 15.03 -6.20 -3.51
C PHE A 611 14.82 -5.99 -2.01
N GLY A 612 14.32 -7.00 -1.31
CA GLY A 612 14.50 -7.13 0.14
C GLY A 612 15.92 -7.58 0.48
N ILE A 613 16.47 -8.55 -0.24
CA ILE A 613 17.86 -8.99 -0.07
C ILE A 613 18.89 -8.13 -0.84
N LEU A 614 18.71 -7.95 -2.15
CA LEU A 614 19.74 -7.33 -3.01
C LEU A 614 19.98 -5.84 -2.71
N ALA A 615 18.96 -5.09 -2.31
CA ALA A 615 19.07 -3.64 -2.15
C ALA A 615 20.00 -3.23 -1.02
N HIS A 616 20.01 -3.96 0.09
CA HIS A 616 20.99 -3.76 1.17
C HIS A 616 22.43 -3.91 0.64
N LYS A 617 22.68 -5.00 -0.09
CA LYS A 617 24.02 -5.38 -0.59
C LYS A 617 24.59 -4.39 -1.60
N MET A 618 23.79 -3.94 -2.58
CA MET A 618 24.21 -2.93 -3.57
C MET A 618 24.17 -1.48 -3.05
N GLY A 619 23.47 -1.22 -1.95
CA GLY A 619 23.21 0.12 -1.42
C GLY A 619 21.82 0.61 -1.82
N ARG A 620 20.94 0.78 -0.83
CA ARG A 620 19.50 0.99 -1.03
C ARG A 620 19.16 2.26 -1.80
N TRP A 621 20.04 3.26 -1.81
CA TRP A 621 19.82 4.51 -2.57
C TRP A 621 19.70 4.24 -4.08
N LEU A 622 20.44 3.27 -4.59
CA LEU A 622 20.42 2.88 -6.00
C LEU A 622 19.11 2.17 -6.39
N CYS A 623 18.33 1.67 -5.43
CA CYS A 623 16.97 1.20 -5.60
C CYS A 623 15.88 2.25 -5.32
N ALA A 624 16.24 3.50 -5.03
CA ALA A 624 15.37 4.65 -5.30
C ALA A 624 15.69 5.24 -6.67
N LEU A 625 16.98 5.41 -7.02
CA LEU A 625 17.41 5.92 -8.33
C LEU A 625 16.95 5.00 -9.48
N LEU A 626 17.39 3.73 -9.51
CA LEU A 626 16.83 2.71 -10.40
C LEU A 626 15.45 2.22 -9.95
N GLY A 627 14.89 2.78 -8.89
CA GLY A 627 13.56 2.48 -8.39
C GLY A 627 12.44 3.37 -8.95
N MET A 628 12.77 4.61 -9.26
CA MET A 628 11.90 5.61 -9.88
C MET A 628 12.24 5.92 -11.33
N ILE A 629 13.47 5.67 -11.80
CA ILE A 629 13.71 5.61 -13.26
C ILE A 629 12.78 4.59 -13.88
N ILE A 630 12.69 3.38 -13.30
CA ILE A 630 11.85 2.33 -13.87
C ILE A 630 10.37 2.68 -13.76
N VAL A 631 9.89 3.26 -12.64
CA VAL A 631 8.49 3.73 -12.56
C VAL A 631 8.20 4.71 -13.70
N GLY A 632 9.04 5.73 -13.85
CA GLY A 632 8.81 6.76 -14.85
C GLY A 632 8.79 6.22 -16.26
N VAL A 633 9.75 5.39 -16.67
CA VAL A 633 9.75 4.85 -18.03
C VAL A 633 8.64 3.83 -18.25
N SER A 634 8.25 3.07 -17.22
CA SER A 634 7.15 2.12 -17.36
C SER A 634 5.83 2.86 -17.58
N ILE A 635 5.57 3.91 -16.80
CA ILE A 635 4.44 4.81 -17.03
C ILE A 635 4.50 5.42 -18.43
N LEU A 636 5.68 5.83 -18.92
CA LEU A 636 5.82 6.44 -20.24
C LEU A 636 5.48 5.51 -21.42
N CYS A 637 5.27 4.21 -21.23
CA CYS A 637 4.73 3.34 -22.29
C CYS A 637 3.18 3.43 -22.39
N ILE A 638 2.47 3.84 -21.32
CA ILE A 638 1.01 4.03 -21.31
C ILE A 638 0.48 4.92 -22.44
N PRO A 639 1.07 6.08 -22.79
CA PRO A 639 0.54 6.94 -23.87
C PRO A 639 0.52 6.27 -25.24
N PHE A 640 1.29 5.21 -25.45
CA PHE A 640 1.31 4.47 -26.70
C PHE A 640 0.39 3.24 -26.71
N ALA A 641 -0.29 2.94 -25.59
CA ALA A 641 -1.33 1.92 -25.54
C ALA A 641 -2.67 2.44 -26.10
N LYS A 642 -3.42 1.53 -26.73
CA LYS A 642 -4.73 1.76 -27.38
C LYS A 642 -5.67 0.53 -27.29
N ASN A 643 -5.33 -0.38 -26.39
CA ASN A 643 -5.88 -1.71 -26.17
C ASN A 643 -5.48 -2.13 -24.75
N ILE A 644 -6.37 -2.76 -23.98
CA ILE A 644 -6.08 -3.16 -22.59
C ILE A 644 -4.87 -4.12 -22.50
N TYR A 645 -4.62 -4.97 -23.49
CA TYR A 645 -3.39 -5.79 -23.55
C TYR A 645 -2.14 -4.91 -23.51
N GLY A 646 -2.15 -3.75 -24.16
CA GLY A 646 -1.06 -2.77 -24.16
C GLY A 646 -0.80 -2.13 -22.80
N LEU A 647 -1.71 -2.28 -21.83
CA LEU A 647 -1.51 -1.85 -20.44
C LEU A 647 -0.82 -2.92 -19.58
N ILE A 648 -0.69 -4.17 -20.03
CA ILE A 648 -0.05 -5.24 -19.24
C ILE A 648 1.46 -4.96 -19.05
N ALA A 649 2.17 -4.55 -20.11
CA ALA A 649 3.58 -4.16 -20.05
C ALA A 649 3.88 -2.99 -19.08
N PRO A 650 3.19 -1.83 -19.14
CA PRO A 650 3.44 -0.75 -18.20
C PRO A 650 2.98 -1.07 -16.78
N ASN A 651 1.94 -1.90 -16.57
CA ASN A 651 1.59 -2.36 -15.23
C ASN A 651 2.73 -3.15 -14.62
N PHE A 652 3.38 -4.03 -15.37
CA PHE A 652 4.39 -4.91 -14.78
C PHE A 652 5.63 -4.15 -14.34
N GLY A 653 6.09 -3.17 -15.10
CA GLY A 653 7.23 -2.35 -14.67
C GLY A 653 6.87 -1.40 -13.55
N VAL A 654 5.62 -0.94 -13.45
CA VAL A 654 5.21 -0.12 -12.31
C VAL A 654 5.14 -0.97 -11.05
N GLY A 655 4.51 -2.14 -11.08
CA GLY A 655 4.45 -3.05 -9.94
C GLY A 655 5.83 -3.55 -9.48
N PHE A 656 6.72 -3.92 -10.40
CA PHE A 656 8.11 -4.22 -10.07
C PHE A 656 8.81 -3.05 -9.38
N ALA A 657 8.74 -1.86 -9.96
CA ALA A 657 9.46 -0.72 -9.46
C ALA A 657 8.90 -0.19 -8.15
N ILE A 658 7.59 -0.23 -7.94
CA ILE A 658 6.98 -0.01 -6.62
C ILE A 658 7.61 -0.95 -5.62
N GLY A 659 7.76 -2.22 -5.94
CA GLY A 659 8.34 -3.21 -5.03
C GLY A 659 9.80 -2.97 -4.71
N MET A 660 10.57 -2.56 -5.71
CA MET A 660 11.97 -2.20 -5.57
C MET A 660 12.15 -0.95 -4.71
N VAL A 661 11.29 0.07 -4.84
CA VAL A 661 11.33 1.26 -3.98
C VAL A 661 10.88 0.92 -2.56
N ASP A 662 9.67 0.40 -2.36
CA ASP A 662 9.13 0.13 -1.02
C ASP A 662 10.07 -0.72 -0.17
N SER A 663 10.53 -1.84 -0.72
CA SER A 663 11.41 -2.78 -0.02
C SER A 663 12.80 -2.22 0.29
N SER A 664 13.26 -1.23 -0.47
CA SER A 664 14.53 -0.55 -0.23
C SER A 664 14.41 0.65 0.70
N MET A 665 13.32 1.40 0.63
CA MET A 665 13.16 2.66 1.35
C MET A 665 12.48 2.52 2.71
N MET A 666 11.64 1.50 2.92
CA MET A 666 11.13 1.20 4.26
C MET A 666 12.21 0.87 5.28
N PRO A 667 13.25 0.07 5.00
CA PRO A 667 14.35 -0.10 5.94
C PRO A 667 15.24 1.15 6.07
N ILE A 668 15.28 2.06 5.07
CA ILE A 668 15.97 3.36 5.22
C ILE A 668 15.31 4.21 6.31
N MET A 669 13.99 4.16 6.48
CA MET A 669 13.33 4.82 7.63
C MET A 669 13.94 4.43 8.97
N GLY A 670 14.14 3.14 9.17
CA GLY A 670 14.78 2.62 10.36
C GLY A 670 16.23 3.06 10.46
N TYR A 671 17.00 2.91 9.38
CA TYR A 671 18.41 3.30 9.37
C TYR A 671 18.62 4.78 9.67
N LEU A 672 17.73 5.68 9.21
CA LEU A 672 17.82 7.10 9.50
C LEU A 672 17.51 7.44 10.96
N VAL A 673 16.43 6.92 11.58
CA VAL A 673 16.27 7.13 13.03
C VAL A 673 17.40 6.49 13.84
N ASP A 674 17.99 5.40 13.37
CA ASP A 674 19.18 4.77 13.96
C ASP A 674 20.49 5.57 13.76
N LEU A 675 20.52 6.61 12.93
CA LEU A 675 21.74 7.33 12.54
C LEU A 675 21.69 8.86 12.78
N ARG A 676 20.50 9.46 12.78
CA ARG A 676 20.28 10.91 12.92
C ARG A 676 19.33 11.30 14.05
N HIS A 677 18.62 10.37 14.69
CA HIS A 677 17.55 10.67 15.68
C HIS A 677 17.59 9.73 16.90
N VAL A 678 16.44 9.54 17.55
CA VAL A 678 16.19 8.55 18.63
C VAL A 678 15.33 7.41 18.08
N SER A 679 15.72 6.16 18.28
CA SER A 679 15.07 4.99 17.70
C SER A 679 13.76 4.59 18.40
N VAL A 680 12.70 5.38 18.21
CA VAL A 680 11.30 4.94 18.39
C VAL A 680 10.57 5.00 17.05
N TYR A 681 10.21 3.81 16.56
CA TYR A 681 9.60 3.67 15.25
C TYR A 681 8.12 3.71 15.23
N GLY A 682 7.53 4.24 16.27
CA GLY A 682 6.11 4.41 16.24
C GLY A 682 5.80 5.46 15.20
N SER A 683 6.57 6.53 15.17
CA SER A 683 6.35 7.63 14.27
C SER A 683 6.93 7.61 12.90
N VAL A 684 8.26 7.39 12.70
CA VAL A 684 8.83 7.41 11.33
C VAL A 684 8.01 6.60 10.34
N TYR A 685 7.47 5.43 10.72
CA TYR A 685 6.60 4.68 9.81
C TYR A 685 5.24 5.35 9.59
N ALA A 686 4.83 6.29 10.43
CA ALA A 686 3.74 7.19 10.11
C ALA A 686 4.06 8.05 8.87
N ILE A 687 5.28 8.60 8.75
CA ILE A 687 5.71 9.38 7.58
C ILE A 687 5.78 8.49 6.34
N ALA A 688 6.37 7.30 6.46
CA ALA A 688 6.53 6.38 5.34
C ALA A 688 5.19 5.88 4.83
N ASP A 689 4.27 5.54 5.73
CA ASP A 689 2.95 5.09 5.35
C ASP A 689 2.01 6.21 4.83
N VAL A 690 2.01 7.44 5.37
CA VAL A 690 1.27 8.52 4.68
C VAL A 690 1.79 8.74 3.28
N ALA A 691 3.10 8.68 3.09
CA ALA A 691 3.68 8.82 1.77
C ALA A 691 3.22 7.69 0.87
N PHE A 692 3.22 6.44 1.33
CA PHE A 692 2.72 5.31 0.53
C PHE A 692 1.26 5.54 0.14
N CYS A 693 0.47 5.91 1.12
CA CYS A 693 -0.96 6.00 1.02
C CYS A 693 -1.46 7.19 0.21
N MET A 694 -0.76 8.32 0.30
CA MET A 694 -1.28 9.58 -0.17
C MET A 694 -1.56 9.58 -1.66
N GLY A 695 -0.80 8.83 -2.45
CA GLY A 695 -1.06 8.78 -3.87
C GLY A 695 -2.49 8.36 -4.18
N TYR A 696 -3.03 7.45 -3.37
CA TYR A 696 -4.40 6.99 -3.54
C TYR A 696 -5.43 7.93 -2.91
N ALA A 697 -5.02 8.71 -1.93
CA ALA A 697 -5.94 9.64 -1.31
C ALA A 697 -6.18 10.87 -2.18
N ILE A 698 -5.10 11.55 -2.54
CA ILE A 698 -5.03 12.76 -3.36
C ILE A 698 -5.19 12.51 -4.84
N GLY A 699 -4.48 11.51 -5.35
CA GLY A 699 -4.26 11.35 -6.77
C GLY A 699 -5.50 11.10 -7.64
N PRO A 700 -6.38 10.13 -7.34
CA PRO A 700 -7.50 9.84 -8.19
C PRO A 700 -8.40 11.03 -8.48
N SER A 701 -8.92 11.70 -7.45
CA SER A 701 -9.93 12.74 -7.65
C SER A 701 -9.34 14.15 -7.76
N ALA A 702 -8.51 14.58 -6.80
CA ALA A 702 -7.93 15.92 -6.86
C ALA A 702 -6.96 16.03 -8.04
N GLY A 703 -6.16 14.99 -8.28
CA GLY A 703 -5.29 14.87 -9.46
C GLY A 703 -6.05 14.54 -10.74
N GLY A 704 -7.16 13.80 -10.68
CA GLY A 704 -8.02 13.55 -11.84
C GLY A 704 -8.59 14.82 -12.49
N ALA A 705 -8.70 15.91 -11.73
CA ALA A 705 -9.07 17.22 -12.27
C ALA A 705 -8.02 17.83 -13.23
N ILE A 706 -6.78 17.32 -13.25
CA ILE A 706 -5.73 17.74 -14.19
C ILE A 706 -6.10 17.29 -15.61
N ALA A 707 -6.40 16.01 -15.76
CA ALA A 707 -6.60 15.40 -17.08
C ALA A 707 -7.82 15.94 -17.82
N LYS A 708 -8.96 16.17 -17.14
CA LYS A 708 -10.20 16.58 -17.82
C LYS A 708 -10.10 17.91 -18.58
N ALA A 709 -9.17 18.79 -18.21
CA ALA A 709 -8.89 20.04 -18.93
C ALA A 709 -7.79 19.93 -20.00
N ILE A 710 -7.10 18.80 -20.12
CA ILE A 710 -5.81 18.65 -20.82
C ILE A 710 -5.77 17.42 -21.77
N GLY A 711 -6.51 16.36 -21.47
CA GLY A 711 -6.31 15.01 -21.98
C GLY A 711 -5.44 14.16 -21.04
N PHE A 712 -5.71 12.87 -20.94
CA PHE A 712 -5.10 12.00 -19.92
C PHE A 712 -3.69 11.47 -20.23
N PRO A 713 -3.29 11.18 -21.48
CA PRO A 713 -1.90 10.81 -21.78
C PRO A 713 -0.86 11.84 -21.31
N TRP A 714 -1.22 13.12 -21.19
CA TRP A 714 -0.39 14.12 -20.54
C TRP A 714 -0.29 13.93 -19.02
N LEU A 715 -1.37 13.57 -18.31
CA LEU A 715 -1.28 13.25 -16.87
C LEU A 715 -0.42 12.03 -16.61
N MET A 716 -0.50 11.00 -17.44
CA MET A 716 0.36 9.82 -17.31
C MET A 716 1.82 10.12 -17.66
N THR A 717 2.10 10.69 -18.84
CA THR A 717 3.48 11.04 -19.21
C THR A 717 4.13 11.96 -18.17
N ILE A 718 3.44 13.00 -17.67
CA ILE A 718 4.05 13.82 -16.61
C ILE A 718 4.22 13.02 -15.32
N ILE A 719 3.29 12.22 -14.82
CA ILE A 719 3.65 11.48 -13.58
C ILE A 719 4.83 10.53 -13.82
N GLY A 720 5.04 10.07 -15.07
CA GLY A 720 6.28 9.39 -15.48
C GLY A 720 7.57 10.22 -15.35
N ILE A 721 7.60 11.48 -15.81
CA ILE A 721 8.80 12.30 -15.80
C ILE A 721 9.11 12.75 -14.37
N ILE A 722 8.08 13.01 -13.58
CA ILE A 722 8.29 13.41 -12.19
C ILE A 722 9.04 12.31 -11.47
N ASP A 723 8.94 11.05 -11.90
CA ASP A 723 9.67 9.92 -11.32
C ASP A 723 11.09 9.75 -11.85
N ILE A 724 11.35 9.85 -13.16
CA ILE A 724 12.74 9.84 -13.65
C ILE A 724 13.55 11.06 -13.14
N LEU A 725 12.89 12.21 -12.91
CA LEU A 725 13.51 13.39 -12.31
C LEU A 725 13.76 13.25 -10.80
N PHE A 726 13.06 12.37 -10.08
CA PHE A 726 13.28 12.18 -8.65
C PHE A 726 14.49 11.28 -8.39
N ALA A 727 14.77 10.35 -9.30
CA ALA A 727 15.86 9.39 -9.19
C ALA A 727 17.26 9.94 -8.81
N PRO A 728 17.78 11.05 -9.38
CA PRO A 728 19.06 11.62 -8.96
C PRO A 728 19.01 12.31 -7.58
N LEU A 729 17.83 12.66 -7.06
CA LEU A 729 17.72 13.35 -5.76
C LEU A 729 18.17 12.47 -4.60
N CYS A 730 18.11 11.15 -4.75
CA CYS A 730 18.56 10.20 -3.74
C CYS A 730 20.08 10.10 -3.54
N PHE A 731 20.90 10.93 -4.18
CA PHE A 731 22.34 10.99 -3.88
C PHE A 731 22.62 11.39 -2.42
N PHE A 732 21.67 12.08 -1.78
CA PHE A 732 21.69 12.35 -0.34
C PHE A 732 21.62 11.08 0.54
N LEU A 733 21.21 9.92 0.01
CA LEU A 733 21.10 8.67 0.76
C LEU A 733 22.28 7.68 0.56
N ARG A 734 23.37 8.11 -0.08
CA ARG A 734 24.62 7.34 -0.11
C ARG A 734 25.21 7.16 1.30
N SER A 735 25.36 8.27 2.01
CA SER A 735 25.79 8.35 3.41
C SER A 735 25.07 9.51 4.11
N PRO A 736 23.90 9.29 4.73
CA PRO A 736 23.25 10.30 5.55
C PRO A 736 24.20 10.69 6.70
N PRO A 737 24.59 11.98 6.84
CA PRO A 737 25.63 12.35 7.80
C PRO A 737 25.12 12.15 9.23
N ALA A 738 25.94 11.56 10.08
CA ALA A 738 25.54 11.18 11.43
C ALA A 738 25.26 12.38 12.35
N LYS A 739 24.47 12.18 13.41
CA LYS A 739 24.20 13.18 14.46
C LYS A 739 25.46 13.61 15.24
#